data_9EP2
#
_entry.id   9EP2
#
_cell.length_a   62.640
_cell.length_b   70.900
_cell.length_c   121.250
_cell.angle_alpha   90.000
_cell.angle_beta   90.000
_cell.angle_gamma   90.000
#
_symmetry.space_group_name_H-M   'P 21 21 21'
#
loop_
_entity.id
_entity.type
_entity.pdbx_description
1 polymer 'Carbonic anhydrase 1'
2 non-polymer 'ACETATE ION'
3 non-polymer 'ZINC ION'
4 non-polymer '(4-sulfamoylphenyl) 3-(4-methylphenyl)sulfanylpropanoate'
5 water water
#
_entity_poly.entity_id   1
_entity_poly.type   'polypeptide(L)'
_entity_poly.pdbx_seq_one_letter_code
;MASPDWGYDDKNGPEQWSKLYPIANGNNQSPVDIKTSETKHDTSLKPISVSYNPATAKEIINVGHSFHVNFEDNDNRSVL
KGGPFSDSYRLFQFHFHWGSTNEHGSEHTVDGVKYSAELHVAHWNSAKYSSLAEAASKADGLAVIGVLMKVGEANPKLQK
VLDALQAIKTKGKRAPFTNFDPSTLLPSSLDFWTYPGSLTHPPLYESVTWIICKESISVSSEQLAQFRSLLSNVEGDNAV
PMQHNNRPTQPLKGRTVRASF
;
_entity_poly.pdbx_strand_id   AAA,BBB
#
# COMPACT_ATOMS: atom_id res chain seq x y z
N ASP A 5 4.81 -17.94 -13.81
CA ASP A 5 5.29 -17.79 -15.22
C ASP A 5 4.32 -16.91 -16.02
N TRP A 6 3.04 -17.31 -16.10
CA TRP A 6 1.94 -16.44 -16.60
C TRP A 6 1.65 -15.39 -15.52
N GLY A 7 1.12 -14.26 -15.93
CA GLY A 7 0.81 -13.10 -15.07
C GLY A 7 -0.14 -12.15 -15.78
N TYR A 8 -0.01 -10.88 -15.42
CA TYR A 8 -0.86 -9.77 -15.92
C TYR A 8 0.05 -8.66 -16.49
N ASP A 9 1.39 -8.81 -16.43
CA ASP A 9 2.30 -7.75 -17.00
C ASP A 9 2.28 -7.91 -18.53
N ASP A 10 2.90 -6.96 -19.24
CA ASP A 10 2.86 -6.94 -20.74
C ASP A 10 3.40 -8.27 -21.31
N LYS A 11 4.54 -8.74 -20.79
CA LYS A 11 5.24 -9.95 -21.35
C LYS A 11 4.48 -11.26 -21.08
N ASN A 12 3.85 -11.42 -19.90
CA ASN A 12 3.28 -12.74 -19.49
C ASN A 12 1.75 -12.66 -19.33
N GLY A 13 1.14 -11.57 -19.79
CA GLY A 13 -0.27 -11.21 -19.53
C GLY A 13 -1.28 -11.91 -20.47
N PRO A 14 -2.60 -11.49 -20.26
CA PRO A 14 -3.69 -12.06 -21.04
C PRO A 14 -3.42 -12.21 -22.55
N GLU A 15 -2.80 -11.21 -23.19
CA GLU A 15 -2.61 -11.24 -24.67
C GLU A 15 -1.67 -12.39 -25.08
N GLN A 16 -0.77 -12.82 -24.18
CA GLN A 16 0.27 -13.88 -24.36
C GLN A 16 -0.18 -15.25 -23.82
N TRP A 17 -1.28 -15.37 -23.07
CA TRP A 17 -1.61 -16.69 -22.49
C TRP A 17 -1.80 -17.78 -23.57
N SER A 18 -2.21 -17.41 -24.79
CA SER A 18 -2.58 -18.39 -25.85
C SER A 18 -1.36 -19.27 -26.26
N LYS A 19 -0.13 -18.80 -25.97
CA LYS A 19 1.14 -19.50 -26.31
C LYS A 19 1.28 -20.84 -25.57
N LEU A 20 1.01 -20.89 -24.24
CA LEU A 20 1.09 -22.21 -23.57
C LEU A 20 -0.32 -22.75 -23.28
N TYR A 21 -1.34 -21.89 -23.36
CA TYR A 21 -2.78 -22.27 -23.10
C TYR A 21 -3.65 -21.89 -24.30
N PRO A 22 -3.63 -22.72 -25.38
CA PRO A 22 -4.32 -22.34 -26.62
C PRO A 22 -5.84 -22.24 -26.45
N ILE A 23 -6.37 -22.81 -25.33
CA ILE A 23 -7.82 -22.72 -25.04
C ILE A 23 -8.18 -21.22 -24.81
N ALA A 24 -7.18 -20.35 -24.60
CA ALA A 24 -7.39 -18.89 -24.42
C ALA A 24 -8.23 -18.40 -25.59
N ASN A 25 -8.05 -19.02 -26.77
CA ASN A 25 -8.77 -18.56 -27.99
C ASN A 25 -10.00 -19.43 -28.24
N GLY A 26 -10.49 -20.16 -27.22
CA GLY A 26 -11.61 -21.11 -27.41
C GLY A 26 -12.95 -20.42 -27.55
N ASN A 27 -14.02 -21.24 -27.58
CA ASN A 27 -15.40 -20.81 -27.81
C ASN A 27 -16.18 -20.59 -26.50
N ASN A 28 -15.60 -20.89 -25.32
CA ASN A 28 -16.32 -20.74 -24.03
C ASN A 28 -15.40 -20.00 -23.07
N GLN A 29 -14.76 -18.93 -23.51
CA GLN A 29 -13.82 -18.18 -22.65
C GLN A 29 -14.56 -17.11 -21.84
N SER A 30 -14.04 -16.86 -20.64
CA SER A 30 -14.59 -15.83 -19.73
C SER A 30 -13.44 -14.86 -19.38
N PRO A 31 -13.81 -13.62 -18.96
CA PRO A 31 -15.19 -13.16 -18.79
C PRO A 31 -15.82 -12.63 -20.08
N VAL A 32 -17.05 -12.19 -19.99
CA VAL A 32 -17.78 -11.63 -21.15
C VAL A 32 -18.44 -10.32 -20.74
N ASP A 33 -18.83 -9.57 -21.76
CA ASP A 33 -19.67 -8.38 -21.67
C ASP A 33 -21.10 -8.90 -21.77
N ILE A 34 -21.87 -8.74 -20.69
CA ILE A 34 -23.33 -9.08 -20.72
C ILE A 34 -24.09 -7.92 -21.39
N LYS A 35 -24.54 -8.14 -22.63
CA LYS A 35 -25.48 -7.19 -23.28
C LYS A 35 -26.92 -7.55 -22.89
N THR A 36 -27.57 -6.67 -22.11
CA THR A 36 -28.88 -7.00 -21.48
C THR A 36 -30.00 -7.09 -22.51
N SER A 37 -29.87 -6.48 -23.68
CA SER A 37 -30.87 -6.55 -24.79
C SER A 37 -30.78 -7.89 -25.52
N GLU A 38 -29.71 -8.66 -25.28
CA GLU A 38 -29.46 -9.97 -25.93
C GLU A 38 -29.63 -11.13 -24.91
N THR A 39 -29.87 -10.89 -23.62
CA THR A 39 -30.10 -11.98 -22.64
C THR A 39 -31.46 -12.63 -22.90
N LYS A 40 -31.61 -13.91 -22.57
CA LYS A 40 -32.89 -14.62 -22.75
C LYS A 40 -33.42 -14.98 -21.36
N HIS A 41 -34.58 -14.44 -20.98
CA HIS A 41 -35.21 -14.83 -19.69
C HIS A 41 -35.53 -16.32 -19.76
N ASP A 42 -35.10 -17.08 -18.76
CA ASP A 42 -35.33 -18.55 -18.70
C ASP A 42 -36.16 -18.88 -17.46
N THR A 43 -37.41 -19.27 -17.73
CA THR A 43 -38.49 -19.63 -16.78
C THR A 43 -38.08 -20.80 -15.88
N SER A 44 -37.23 -21.73 -16.38
CA SER A 44 -36.83 -22.97 -15.65
C SER A 44 -35.74 -22.69 -14.60
N LEU A 45 -35.04 -21.55 -14.66
CA LEU A 45 -34.00 -21.21 -13.65
C LEU A 45 -34.63 -21.10 -12.27
N LYS A 46 -34.09 -21.85 -11.31
CA LYS A 46 -34.58 -21.80 -9.92
C LYS A 46 -33.75 -20.75 -9.18
N PRO A 47 -34.23 -20.28 -8.01
CA PRO A 47 -33.42 -19.38 -7.19
C PRO A 47 -32.10 -20.08 -6.84
N ILE A 48 -31.03 -19.29 -6.75
CA ILE A 48 -29.72 -19.69 -6.16
C ILE A 48 -29.91 -19.87 -4.66
N SER A 49 -29.42 -21.00 -4.16
CA SER A 49 -29.41 -21.36 -2.72
C SER A 49 -27.95 -21.55 -2.31
N VAL A 50 -27.44 -20.72 -1.42
CA VAL A 50 -26.10 -20.94 -0.82
C VAL A 50 -26.30 -21.26 0.66
N SER A 51 -25.63 -22.29 1.11
CA SER A 51 -25.62 -22.65 2.54
C SER A 51 -24.17 -22.95 2.92
N TYR A 52 -23.51 -21.99 3.52
CA TYR A 52 -22.05 -22.15 3.84
C TYR A 52 -21.92 -22.22 5.36
N ASN A 53 -21.05 -23.11 5.79
CA ASN A 53 -20.70 -23.32 7.21
C ASN A 53 -19.42 -22.55 7.51
N PRO A 54 -19.41 -21.55 8.43
CA PRO A 54 -18.21 -20.75 8.68
C PRO A 54 -17.01 -21.58 9.14
N ALA A 55 -17.26 -22.80 9.69
CA ALA A 55 -16.15 -23.67 10.13
C ALA A 55 -15.40 -24.29 8.94
N THR A 56 -15.87 -24.13 7.69
CA THR A 56 -15.12 -24.67 6.52
C THR A 56 -14.02 -23.70 6.10
N ALA A 57 -14.04 -22.44 6.57
CA ALA A 57 -12.98 -21.46 6.21
C ALA A 57 -11.63 -21.96 6.75
N LYS A 58 -10.57 -22.00 5.91
CA LYS A 58 -9.30 -22.65 6.25
C LYS A 58 -8.14 -21.65 6.29
N GLU A 59 -7.85 -21.01 5.15
CA GLU A 59 -6.51 -20.41 4.96
C GLU A 59 -6.64 -19.25 3.95
N ILE A 60 -5.86 -18.22 4.18
CA ILE A 60 -5.67 -17.11 3.22
C ILE A 60 -4.23 -17.16 2.71
N ILE A 61 -4.07 -17.04 1.39
CA ILE A 61 -2.77 -17.28 0.71
C ILE A 61 -2.52 -16.16 -0.29
N ASN A 62 -1.31 -15.60 -0.23
CA ASN A 62 -0.78 -14.71 -1.30
C ASN A 62 -0.22 -15.59 -2.41
N VAL A 63 -0.89 -15.63 -3.55
CA VAL A 63 -0.47 -16.50 -4.69
C VAL A 63 0.22 -15.66 -5.75
N GLY A 64 0.76 -14.49 -5.41
CA GLY A 64 1.60 -13.70 -6.36
C GLY A 64 0.81 -12.74 -7.25
N HIS A 65 -0.18 -13.25 -7.98
CA HIS A 65 -1.07 -12.46 -8.89
C HIS A 65 -2.34 -12.00 -8.17
N SER A 66 -2.61 -12.62 -7.00
CA SER A 66 -3.87 -12.45 -6.27
C SER A 66 -3.70 -12.97 -4.84
N PHE A 67 -4.81 -13.02 -4.11
CA PHE A 67 -4.83 -13.77 -2.83
C PHE A 67 -6.09 -14.63 -2.89
N HIS A 68 -6.00 -15.78 -2.23
CA HIS A 68 -7.11 -16.73 -2.18
C HIS A 68 -7.52 -17.01 -0.72
N VAL A 69 -8.81 -17.15 -0.57
CA VAL A 69 -9.30 -17.73 0.73
C VAL A 69 -9.84 -19.12 0.40
N ASN A 70 -9.20 -20.13 0.98
CA ASN A 70 -9.53 -21.56 0.72
C ASN A 70 -10.40 -22.11 1.86
N PHE A 71 -11.29 -23.02 1.45
CA PHE A 71 -12.21 -23.75 2.35
C PHE A 71 -11.89 -25.23 2.32
N GLU A 72 -12.12 -25.85 3.46
CA GLU A 72 -12.13 -27.32 3.60
C GLU A 72 -13.25 -27.80 2.68
N ASP A 73 -12.96 -28.79 1.85
CA ASP A 73 -13.98 -29.31 0.92
C ASP A 73 -14.06 -30.83 0.96
N ASN A 74 -14.00 -31.42 2.15
CA ASN A 74 -14.02 -32.89 2.37
C ASN A 74 -15.47 -33.37 2.42
N ASP A 75 -16.43 -32.46 2.56
CA ASP A 75 -17.86 -32.88 2.69
C ASP A 75 -18.76 -31.73 2.24
N ASN A 76 -20.07 -31.92 2.40
CA ASN A 76 -21.11 -30.97 1.92
C ASN A 76 -21.56 -30.00 3.00
N ARG A 77 -20.66 -29.58 3.88
CA ARG A 77 -20.95 -28.49 4.86
C ARG A 77 -21.26 -27.16 4.15
N SER A 78 -20.68 -26.90 2.97
CA SER A 78 -20.78 -25.56 2.34
C SER A 78 -21.09 -25.80 0.87
N VAL A 79 -22.33 -25.55 0.49
CA VAL A 79 -22.81 -25.94 -0.86
C VAL A 79 -23.58 -24.80 -1.52
N LEU A 80 -23.53 -24.81 -2.86
CA LEU A 80 -24.41 -24.04 -3.76
C LEU A 80 -25.38 -25.03 -4.45
N LYS A 81 -26.66 -24.64 -4.55
CA LYS A 81 -27.70 -25.42 -5.30
C LYS A 81 -28.63 -24.43 -5.99
N GLY A 82 -29.56 -24.98 -6.78
CA GLY A 82 -30.56 -24.19 -7.53
C GLY A 82 -29.97 -23.54 -8.77
N GLY A 83 -30.52 -22.38 -9.15
CA GLY A 83 -30.13 -21.67 -10.39
C GLY A 83 -30.29 -22.64 -11.55
N PRO A 84 -29.26 -22.83 -12.41
CA PRO A 84 -29.37 -23.78 -13.52
C PRO A 84 -29.03 -25.23 -13.18
N PHE A 85 -28.66 -25.51 -11.93
CA PHE A 85 -28.02 -26.78 -11.49
C PHE A 85 -29.05 -27.79 -10.98
N SER A 86 -28.82 -29.05 -11.34
CA SER A 86 -29.48 -30.25 -10.78
C SER A 86 -28.62 -30.75 -9.61
N ASP A 87 -27.31 -30.56 -9.75
CA ASP A 87 -26.28 -31.08 -8.83
C ASP A 87 -26.03 -30.06 -7.71
N SER A 88 -25.50 -30.51 -6.58
CA SER A 88 -24.97 -29.67 -5.50
C SER A 88 -23.50 -29.38 -5.80
N TYR A 89 -23.06 -28.13 -5.62
CA TYR A 89 -21.66 -27.75 -5.79
C TYR A 89 -21.05 -27.35 -4.45
N ARG A 90 -19.85 -27.84 -4.18
CA ARG A 90 -19.14 -27.66 -2.90
C ARG A 90 -18.21 -26.45 -2.99
N LEU A 91 -18.36 -25.51 -2.07
CA LEU A 91 -17.49 -24.33 -1.92
C LEU A 91 -16.04 -24.78 -1.75
N PHE A 92 -15.10 -24.15 -2.49
CA PHE A 92 -13.67 -24.36 -2.20
C PHE A 92 -12.88 -23.08 -1.99
N GLN A 93 -13.30 -21.95 -2.60
CA GLN A 93 -12.43 -20.75 -2.54
C GLN A 93 -13.27 -19.51 -2.85
N PHE A 94 -12.82 -18.37 -2.33
CA PHE A 94 -13.23 -17.09 -2.91
C PHE A 94 -12.00 -16.20 -3.02
N HIS A 95 -12.09 -15.33 -4.02
CA HIS A 95 -11.01 -14.34 -4.32
C HIS A 95 -11.62 -13.15 -5.03
N PHE A 96 -10.76 -12.19 -5.38
CA PHE A 96 -11.23 -10.94 -5.98
C PHE A 96 -10.34 -10.72 -7.19
N HIS A 97 -10.85 -9.89 -8.08
CA HIS A 97 -10.03 -9.23 -9.11
C HIS A 97 -10.23 -7.73 -8.96
N TRP A 98 -9.23 -6.96 -9.39
CA TRP A 98 -9.29 -5.51 -9.29
C TRP A 98 -8.45 -4.93 -10.44
N GLY A 99 -8.47 -3.61 -10.53
CA GLY A 99 -7.81 -2.88 -11.63
C GLY A 99 -6.80 -1.89 -11.09
N SER A 100 -6.02 -1.24 -11.95
CA SER A 100 -4.94 -0.33 -11.50
C SER A 100 -5.57 0.98 -10.98
N THR A 101 -6.79 1.30 -11.42
CA THR A 101 -7.56 2.47 -10.91
C THR A 101 -9.02 2.08 -10.77
N ASN A 102 -9.82 2.98 -10.19
CA ASN A 102 -11.24 2.73 -9.85
C ASN A 102 -12.04 2.53 -11.14
N GLU A 103 -11.51 3.04 -12.27
CA GLU A 103 -12.18 3.09 -13.60
C GLU A 103 -12.46 1.67 -14.14
N HIS A 104 -11.66 0.65 -13.80
CA HIS A 104 -11.73 -0.71 -14.35
CA HIS A 104 -11.89 -0.75 -14.31
C HIS A 104 -11.34 -1.65 -13.20
N GLY A 105 -11.45 -2.92 -13.40
CA GLY A 105 -11.07 -3.81 -12.30
C GLY A 105 -11.94 -5.03 -12.31
N SER A 106 -13.22 -4.89 -12.65
CA SER A 106 -14.09 -6.09 -12.83
C SER A 106 -13.63 -6.91 -14.04
N GLU A 107 -14.00 -8.17 -14.06
CA GLU A 107 -13.73 -9.06 -15.21
C GLU A 107 -14.95 -9.00 -16.10
N HIS A 108 -16.10 -9.39 -15.59
CA HIS A 108 -17.38 -9.23 -16.32
C HIS A 108 -17.67 -7.74 -16.45
N THR A 109 -18.35 -7.36 -17.54
CA THR A 109 -18.95 -6.03 -17.73
C THR A 109 -20.43 -6.21 -18.05
N VAL A 110 -21.23 -5.15 -17.84
CA VAL A 110 -22.69 -5.20 -18.14
C VAL A 110 -23.02 -4.02 -19.03
N ASP A 111 -23.42 -4.32 -20.27
CA ASP A 111 -23.69 -3.24 -21.27
C ASP A 111 -22.45 -2.33 -21.46
N GLY A 112 -21.27 -2.95 -21.44
CA GLY A 112 -19.95 -2.32 -21.56
C GLY A 112 -19.51 -1.55 -20.34
N VAL A 113 -20.25 -1.59 -19.23
CA VAL A 113 -19.80 -0.81 -18.06
C VAL A 113 -18.83 -1.67 -17.27
N LYS A 114 -17.72 -1.06 -16.87
CA LYS A 114 -16.58 -1.68 -16.14
C LYS A 114 -16.75 -1.26 -14.68
N TYR A 115 -16.79 -2.23 -13.78
CA TYR A 115 -16.76 -1.92 -12.34
C TYR A 115 -15.34 -1.93 -11.80
N SER A 116 -15.17 -1.63 -10.51
CA SER A 116 -13.84 -1.40 -9.89
C SER A 116 -13.21 -2.72 -9.45
N ALA A 117 -14.02 -3.75 -9.20
CA ALA A 117 -13.51 -5.06 -8.77
C ALA A 117 -14.60 -6.13 -8.95
N GLU A 118 -14.23 -7.36 -8.68
CA GLU A 118 -15.21 -8.47 -8.79
C GLU A 118 -14.82 -9.54 -7.80
N LEU A 119 -15.85 -10.08 -7.13
CA LEU A 119 -15.72 -11.22 -6.18
C LEU A 119 -16.13 -12.49 -6.92
N HIS A 120 -15.30 -13.52 -6.83
CA HIS A 120 -15.55 -14.89 -7.34
C HIS A 120 -15.69 -15.80 -6.09
N VAL A 121 -16.77 -16.57 -6.08
CA VAL A 121 -16.98 -17.63 -5.06
C VAL A 121 -17.06 -18.93 -5.88
N ALA A 122 -16.04 -19.78 -5.76
CA ALA A 122 -15.86 -20.96 -6.63
C ALA A 122 -16.30 -22.25 -5.92
N HIS A 123 -16.88 -23.16 -6.69
CA HIS A 123 -17.45 -24.43 -6.19
C HIS A 123 -17.13 -25.53 -7.20
N TRP A 124 -17.13 -26.78 -6.78
CA TRP A 124 -16.94 -27.93 -7.69
C TRP A 124 -18.05 -28.96 -7.44
N ASN A 125 -18.35 -29.69 -8.51
CA ASN A 125 -19.49 -30.61 -8.62
C ASN A 125 -19.14 -31.91 -7.89
N SER A 126 -19.55 -31.96 -6.61
CA SER A 126 -19.35 -33.12 -5.71
C SER A 126 -20.47 -34.15 -5.88
N ALA A 127 -21.51 -33.86 -6.68
CA ALA A 127 -22.55 -34.86 -7.04
C ALA A 127 -21.93 -35.84 -8.04
N LYS A 128 -21.12 -35.34 -8.98
CA LYS A 128 -20.63 -36.16 -10.10
C LYS A 128 -19.21 -36.63 -9.85
N TYR A 129 -18.39 -35.84 -9.16
CA TYR A 129 -16.91 -36.02 -9.12
C TYR A 129 -16.49 -36.11 -7.66
N SER A 130 -15.36 -36.76 -7.41
CA SER A 130 -14.95 -37.06 -6.02
C SER A 130 -13.88 -36.06 -5.56
N SER A 131 -13.40 -35.18 -6.44
CA SER A 131 -12.36 -34.19 -6.04
C SER A 131 -12.40 -32.97 -6.96
N LEU A 132 -11.91 -31.86 -6.47
CA LEU A 132 -11.70 -30.65 -7.29
C LEU A 132 -10.80 -31.00 -8.51
N ALA A 133 -9.72 -31.74 -8.31
CA ALA A 133 -8.82 -32.18 -9.38
C ALA A 133 -9.61 -32.90 -10.49
N GLU A 134 -10.55 -33.78 -10.17
CA GLU A 134 -11.36 -34.50 -11.18
C GLU A 134 -12.34 -33.52 -11.86
N ALA A 135 -12.98 -32.66 -11.08
CA ALA A 135 -14.07 -31.76 -11.53
C ALA A 135 -13.52 -30.65 -12.47
N ALA A 136 -12.31 -30.15 -12.24
CA ALA A 136 -11.81 -28.84 -12.75
C ALA A 136 -11.78 -28.80 -14.28
N SER A 137 -11.59 -29.94 -14.95
CA SER A 137 -11.44 -29.98 -16.42
C SER A 137 -12.73 -30.42 -17.13
N LYS A 138 -13.81 -30.66 -16.41
CA LYS A 138 -15.09 -31.20 -16.91
C LYS A 138 -16.07 -30.04 -17.18
N ALA A 139 -16.82 -30.13 -18.27
CA ALA A 139 -17.75 -29.06 -18.71
C ALA A 139 -18.67 -28.64 -17.57
N ASP A 140 -19.15 -29.62 -16.79
CA ASP A 140 -20.12 -29.38 -15.69
C ASP A 140 -19.41 -29.37 -14.33
N GLY A 141 -18.10 -29.20 -14.31
CA GLY A 141 -17.26 -29.40 -13.11
C GLY A 141 -17.32 -28.27 -12.10
N LEU A 142 -17.37 -27.02 -12.54
CA LEU A 142 -17.17 -25.83 -11.69
C LEU A 142 -18.35 -24.89 -11.81
N ALA A 143 -18.67 -24.22 -10.70
CA ALA A 143 -19.69 -23.16 -10.60
C ALA A 143 -19.05 -21.99 -9.87
N VAL A 144 -19.02 -20.81 -10.49
CA VAL A 144 -18.45 -19.61 -9.86
C VAL A 144 -19.52 -18.51 -9.88
N ILE A 145 -19.77 -17.96 -8.70
CA ILE A 145 -20.64 -16.78 -8.51
C ILE A 145 -19.71 -15.59 -8.66
N GLY A 146 -20.08 -14.67 -9.56
CA GLY A 146 -19.40 -13.37 -9.65
C GLY A 146 -20.30 -12.25 -9.20
N VAL A 147 -19.71 -11.36 -8.42
CA VAL A 147 -20.39 -10.15 -7.91
C VAL A 147 -19.54 -8.96 -8.32
N LEU A 148 -20.17 -8.06 -9.07
CA LEU A 148 -19.53 -6.81 -9.49
C LEU A 148 -19.43 -5.90 -8.29
N MET A 149 -18.27 -5.28 -8.12
CA MET A 149 -18.01 -4.38 -6.99
C MET A 149 -17.91 -2.94 -7.48
N LYS A 150 -18.81 -2.09 -7.03
CA LYS A 150 -18.95 -0.69 -7.48
CA LYS A 150 -18.94 -0.69 -7.48
C LYS A 150 -18.28 0.23 -6.45
N VAL A 151 -17.32 1.02 -6.91
CA VAL A 151 -16.63 1.95 -5.98
C VAL A 151 -17.69 2.89 -5.38
N GLY A 152 -17.61 3.08 -4.06
CA GLY A 152 -18.50 3.98 -3.31
C GLY A 152 -18.24 3.82 -1.82
N GLU A 153 -19.28 3.55 -1.03
CA GLU A 153 -19.17 3.48 0.44
C GLU A 153 -18.27 2.28 0.80
N ALA A 154 -17.50 2.39 1.88
CA ALA A 154 -16.74 1.27 2.48
C ALA A 154 -17.72 0.12 2.78
N ASN A 155 -17.30 -1.10 2.50
CA ASN A 155 -18.10 -2.32 2.69
C ASN A 155 -17.63 -3.00 3.97
N PRO A 156 -18.34 -2.85 5.12
CA PRO A 156 -17.89 -3.46 6.36
C PRO A 156 -17.74 -4.99 6.28
N LYS A 157 -18.49 -5.66 5.39
CA LYS A 157 -18.46 -7.15 5.31
C LYS A 157 -17.10 -7.59 4.77
N LEU A 158 -16.33 -6.70 4.14
CA LEU A 158 -14.93 -7.05 3.77
C LEU A 158 -13.96 -6.98 4.96
N GLN A 159 -14.35 -6.74 6.26
CA GLN A 159 -13.38 -6.23 7.23
C GLN A 159 -12.41 -7.37 7.56
N LYS A 160 -12.94 -8.58 7.82
CA LYS A 160 -12.10 -9.71 8.22
C LYS A 160 -11.11 -9.97 7.08
N VAL A 161 -11.55 -9.82 5.81
CA VAL A 161 -10.65 -10.22 4.69
C VAL A 161 -9.52 -9.20 4.66
N LEU A 162 -9.88 -7.92 4.64
CA LEU A 162 -8.91 -6.79 4.57
C LEU A 162 -7.97 -6.83 5.77
N ASP A 163 -8.48 -7.11 6.97
CA ASP A 163 -7.67 -7.15 8.23
C ASP A 163 -6.64 -8.26 8.12
N ALA A 164 -6.87 -9.30 7.30
CA ALA A 164 -6.01 -10.50 7.22
C ALA A 164 -4.82 -10.24 6.27
N LEU A 165 -4.90 -9.24 5.38
CA LEU A 165 -3.87 -9.07 4.31
C LEU A 165 -2.50 -8.69 4.90
N GLN A 166 -2.45 -7.97 6.03
CA GLN A 166 -1.15 -7.55 6.64
C GLN A 166 -0.28 -8.77 6.98
N ALA A 167 -0.85 -9.99 7.08
CA ALA A 167 -0.09 -11.20 7.48
C ALA A 167 0.35 -12.00 6.26
N ILE A 168 -0.09 -11.60 5.06
CA ILE A 168 0.23 -12.34 3.81
C ILE A 168 0.70 -11.32 2.77
N LYS A 169 1.55 -10.40 3.18
CA LYS A 169 1.88 -9.24 2.31
C LYS A 169 2.62 -9.69 1.06
N THR A 170 3.46 -10.70 1.15
CA THR A 170 4.35 -11.12 0.03
C THR A 170 4.00 -12.53 -0.43
N LYS A 171 4.46 -12.84 -1.62
CA LYS A 171 4.07 -14.04 -2.38
C LYS A 171 4.43 -15.30 -1.61
N GLY A 172 3.48 -16.21 -1.44
CA GLY A 172 3.77 -17.48 -0.77
C GLY A 172 3.37 -17.45 0.70
N LYS A 173 3.22 -16.26 1.30
CA LYS A 173 2.76 -16.17 2.71
C LYS A 173 1.34 -16.66 2.80
N ARG A 174 1.03 -17.28 3.94
CA ARG A 174 -0.32 -17.83 4.15
C ARG A 174 -0.56 -17.83 5.67
N ALA A 175 -1.84 -17.83 6.03
CA ALA A 175 -2.24 -17.76 7.45
C ALA A 175 -3.56 -18.47 7.60
N PRO A 176 -3.85 -18.99 8.82
CA PRO A 176 -5.19 -19.48 9.07
C PRO A 176 -6.21 -18.34 8.91
N PHE A 177 -7.39 -18.77 8.36
CA PHE A 177 -8.50 -17.80 8.11
C PHE A 177 -9.77 -18.57 8.33
N THR A 178 -10.36 -18.40 9.52
CA THR A 178 -11.35 -19.35 10.03
C THR A 178 -12.65 -18.62 10.39
N ASN A 179 -13.70 -19.42 10.52
CA ASN A 179 -14.97 -18.97 11.10
C ASN A 179 -15.53 -17.84 10.23
N PHE A 180 -15.67 -18.09 8.94
CA PHE A 180 -16.11 -17.04 7.99
C PHE A 180 -17.04 -17.67 6.92
N ASP A 181 -18.22 -17.06 6.83
CA ASP A 181 -19.30 -17.43 5.87
C ASP A 181 -19.30 -16.41 4.73
N PRO A 182 -18.78 -16.75 3.51
CA PRO A 182 -18.66 -15.76 2.43
C PRO A 182 -20.01 -15.38 1.82
N SER A 183 -21.09 -16.09 2.13
CA SER A 183 -22.46 -15.66 1.70
C SER A 183 -22.78 -14.28 2.30
N THR A 184 -22.08 -13.84 3.36
CA THR A 184 -22.22 -12.46 3.91
C THR A 184 -21.71 -11.39 2.93
N LEU A 185 -20.94 -11.79 1.92
CA LEU A 185 -20.38 -10.82 0.95
C LEU A 185 -21.36 -10.65 -0.21
N LEU A 186 -22.30 -11.57 -0.38
CA LEU A 186 -23.24 -11.53 -1.52
C LEU A 186 -24.26 -10.41 -1.35
N PRO A 187 -24.78 -9.85 -2.47
CA PRO A 187 -25.82 -8.83 -2.44
C PRO A 187 -27.15 -9.41 -1.93
N SER A 188 -28.06 -8.52 -1.51
CA SER A 188 -29.39 -8.88 -0.93
C SER A 188 -30.19 -9.70 -1.94
N SER A 189 -30.24 -9.25 -3.20
CA SER A 189 -30.88 -9.91 -4.36
C SER A 189 -29.87 -10.90 -4.97
N LEU A 190 -30.32 -12.14 -5.22
CA LEU A 190 -29.50 -13.18 -5.90
C LEU A 190 -30.07 -13.39 -7.30
N ASP A 191 -30.81 -12.39 -7.82
CA ASP A 191 -31.15 -12.31 -9.27
C ASP A 191 -29.86 -12.42 -10.07
N PHE A 192 -29.86 -13.19 -11.14
CA PHE A 192 -28.56 -13.52 -11.78
C PHE A 192 -28.72 -13.71 -13.28
N TRP A 193 -27.56 -13.62 -13.92
CA TRP A 193 -27.31 -14.14 -15.29
C TRP A 193 -26.49 -15.43 -15.17
N THR A 194 -26.66 -16.33 -16.13
CA THR A 194 -25.77 -17.50 -16.23
C THR A 194 -25.37 -17.75 -17.69
N TYR A 195 -24.14 -18.22 -17.86
CA TYR A 195 -23.62 -18.61 -19.20
C TYR A 195 -22.51 -19.63 -18.96
N PRO A 196 -22.32 -20.54 -19.94
CA PRO A 196 -21.20 -21.49 -19.91
C PRO A 196 -19.90 -20.79 -20.29
N GLY A 197 -18.87 -20.96 -19.47
CA GLY A 197 -17.58 -20.29 -19.69
C GLY A 197 -16.43 -21.05 -19.07
N SER A 198 -15.46 -20.28 -18.62
CA SER A 198 -14.11 -20.79 -18.33
C SER A 198 -13.57 -20.16 -17.04
N LEU A 199 -12.47 -20.72 -16.54
CA LEU A 199 -11.61 -19.99 -15.58
C LEU A 199 -11.10 -18.75 -16.28
N THR A 200 -10.94 -17.65 -15.58
CA THR A 200 -10.56 -16.36 -16.23
C THR A 200 -9.04 -16.19 -16.28
N HIS A 201 -8.27 -17.19 -15.85
CA HIS A 201 -6.80 -17.22 -15.90
C HIS A 201 -6.36 -18.65 -16.11
N PRO A 202 -5.09 -18.83 -16.49
CA PRO A 202 -4.58 -20.17 -16.70
C PRO A 202 -4.87 -21.03 -15.49
N PRO A 203 -5.26 -22.27 -15.73
CA PRO A 203 -5.28 -22.90 -17.07
C PRO A 203 -6.52 -22.73 -17.97
N LEU A 204 -7.40 -21.78 -17.65
CA LEU A 204 -8.49 -21.31 -18.55
C LEU A 204 -9.44 -22.44 -18.98
N TYR A 205 -9.57 -23.51 -18.19
CA TYR A 205 -10.49 -24.63 -18.53
C TYR A 205 -11.90 -24.11 -18.78
N GLU A 206 -12.58 -24.69 -19.76
CA GLU A 206 -13.97 -24.32 -20.15
C GLU A 206 -14.91 -25.20 -19.32
N SER A 207 -14.83 -25.08 -18.00
CA SER A 207 -15.43 -26.01 -17.02
C SER A 207 -16.41 -25.24 -16.13
N VAL A 208 -16.60 -23.92 -16.35
CA VAL A 208 -17.33 -23.04 -15.40
C VAL A 208 -18.72 -22.70 -15.92
N THR A 209 -19.73 -22.98 -15.10
CA THR A 209 -21.06 -22.35 -15.16
C THR A 209 -21.02 -21.09 -14.29
N TRP A 210 -21.11 -19.95 -14.93
CA TRP A 210 -21.03 -18.62 -14.30
C TRP A 210 -22.40 -18.20 -13.83
N ILE A 211 -22.45 -17.71 -12.60
CA ILE A 211 -23.63 -17.06 -12.00
C ILE A 211 -23.24 -15.63 -11.68
N ILE A 212 -23.68 -14.69 -12.50
CA ILE A 212 -23.33 -13.27 -12.30
C ILE A 212 -24.52 -12.57 -11.67
N CYS A 213 -24.29 -11.97 -10.50
CA CYS A 213 -25.33 -11.25 -9.75
C CYS A 213 -25.69 -9.97 -10.50
N LYS A 214 -26.97 -9.66 -10.57
CA LYS A 214 -27.50 -8.39 -11.11
C LYS A 214 -27.12 -7.22 -10.20
N GLU A 215 -27.31 -7.39 -8.87
CA GLU A 215 -26.99 -6.33 -7.88
C GLU A 215 -25.48 -6.31 -7.63
N SER A 216 -24.89 -5.12 -7.64
CA SER A 216 -23.48 -4.93 -7.22
C SER A 216 -23.38 -4.93 -5.68
N ILE A 217 -22.17 -5.05 -5.18
CA ILE A 217 -21.82 -4.70 -3.77
C ILE A 217 -20.85 -3.53 -3.81
N SER A 218 -20.76 -2.84 -2.69
CA SER A 218 -19.87 -1.65 -2.59
CA SER A 218 -19.89 -1.65 -2.54
C SER A 218 -18.44 -2.04 -2.19
N VAL A 219 -17.55 -1.12 -2.46
CA VAL A 219 -16.13 -1.16 -2.02
C VAL A 219 -15.65 0.28 -2.06
N SER A 220 -14.88 0.73 -1.07
CA SER A 220 -14.36 2.11 -1.08
C SER A 220 -13.07 2.17 -1.89
N SER A 221 -12.68 3.37 -2.33
CA SER A 221 -11.38 3.67 -2.97
CA SER A 221 -11.38 3.62 -3.01
C SER A 221 -10.23 3.14 -2.10
N GLU A 222 -10.37 3.28 -0.76
CA GLU A 222 -9.28 2.90 0.18
C GLU A 222 -9.26 1.37 0.39
N GLN A 223 -10.42 0.71 0.34
CA GLN A 223 -10.45 -0.77 0.36
C GLN A 223 -9.73 -1.31 -0.91
N LEU A 224 -9.99 -0.71 -2.07
CA LEU A 224 -9.31 -1.17 -3.31
C LEU A 224 -7.81 -0.94 -3.16
N ALA A 225 -7.39 0.21 -2.58
CA ALA A 225 -5.95 0.49 -2.31
C ALA A 225 -5.33 -0.66 -1.50
N GLN A 226 -6.05 -1.25 -0.54
CA GLN A 226 -5.52 -2.37 0.26
C GLN A 226 -5.20 -3.57 -0.65
N PHE A 227 -6.10 -3.93 -1.57
CA PHE A 227 -5.82 -5.01 -2.55
C PHE A 227 -4.53 -4.64 -3.30
N ARG A 228 -4.43 -3.41 -3.80
CA ARG A 228 -3.32 -3.02 -4.73
C ARG A 228 -2.00 -2.91 -3.95
N SER A 229 -2.07 -2.85 -2.60
CA SER A 229 -0.84 -2.75 -1.80
C SER A 229 -0.29 -4.15 -1.51
N LEU A 230 -1.04 -5.21 -1.84
CA LEU A 230 -0.45 -6.58 -1.71
C LEU A 230 0.73 -6.66 -2.70
N LEU A 231 1.73 -7.42 -2.32
CA LEU A 231 3.01 -7.52 -3.06
C LEU A 231 3.09 -8.85 -3.80
N SER A 232 3.49 -8.76 -5.07
CA SER A 232 3.65 -9.96 -5.95
C SER A 232 5.00 -10.65 -5.71
N ASN A 233 5.96 -9.94 -5.13
CA ASN A 233 7.35 -10.41 -4.94
C ASN A 233 7.39 -11.24 -3.65
N VAL A 234 8.43 -12.07 -3.52
CA VAL A 234 8.73 -12.79 -2.25
C VAL A 234 9.43 -11.81 -1.31
N GLU A 235 9.34 -12.09 -0.04
CA GLU A 235 9.91 -11.26 1.03
C GLU A 235 11.40 -11.07 0.75
N GLY A 236 11.88 -9.84 0.94
CA GLY A 236 13.30 -9.50 0.80
C GLY A 236 13.59 -9.00 -0.61
N ASP A 237 12.75 -9.30 -1.61
CA ASP A 237 12.96 -8.73 -2.97
C ASP A 237 12.40 -7.32 -3.00
N ASN A 238 12.72 -6.54 -4.03
CA ASN A 238 12.11 -5.18 -4.11
CA ASN A 238 12.12 -5.20 -4.30
C ASN A 238 10.60 -5.34 -4.31
N ALA A 239 9.88 -4.45 -3.66
CA ALA A 239 8.40 -4.48 -3.60
C ALA A 239 7.81 -4.28 -5.01
N VAL A 240 6.88 -5.13 -5.43
CA VAL A 240 6.14 -5.01 -6.71
C VAL A 240 4.66 -5.14 -6.37
N PRO A 241 3.97 -4.00 -6.12
CA PRO A 241 2.54 -3.97 -5.85
C PRO A 241 1.71 -4.73 -6.90
N MET A 242 0.71 -5.49 -6.40
CA MET A 242 -0.35 -6.21 -7.18
C MET A 242 -1.31 -5.18 -7.78
N GLN A 243 -0.93 -4.45 -8.82
CA GLN A 243 -1.80 -3.31 -9.25
C GLN A 243 -3.10 -3.77 -9.94
N HIS A 244 -3.10 -4.90 -10.69
CA HIS A 244 -4.29 -5.37 -11.43
C HIS A 244 -4.21 -6.88 -11.72
N ASN A 245 -5.37 -7.52 -11.94
CA ASN A 245 -5.44 -8.99 -12.24
C ASN A 245 -6.76 -9.35 -12.93
N ASN A 246 -7.30 -8.40 -13.72
CA ASN A 246 -8.56 -8.58 -14.46
C ASN A 246 -8.23 -8.88 -15.93
N ARG A 247 -8.85 -9.94 -16.41
CA ARG A 247 -8.75 -10.34 -17.81
C ARG A 247 -9.78 -9.53 -18.56
N PRO A 248 -9.41 -9.06 -19.80
CA PRO A 248 -10.43 -8.45 -20.64
C PRO A 248 -11.57 -9.43 -20.98
N THR A 249 -12.72 -8.88 -21.38
CA THR A 249 -13.88 -9.65 -21.91
C THR A 249 -13.54 -10.29 -23.26
N GLN A 250 -14.12 -11.46 -23.47
CA GLN A 250 -13.81 -12.43 -24.52
C GLN A 250 -15.07 -12.61 -25.34
N PRO A 251 -14.92 -12.99 -26.61
CA PRO A 251 -16.07 -13.10 -27.50
C PRO A 251 -17.06 -14.19 -27.09
N LEU A 252 -18.35 -13.87 -27.11
CA LEU A 252 -19.41 -14.90 -26.82
C LEU A 252 -19.36 -16.06 -27.83
N LYS A 253 -18.97 -15.82 -29.10
CA LYS A 253 -18.95 -16.97 -30.04
C LYS A 253 -20.24 -17.78 -29.97
N GLY A 254 -21.41 -17.07 -29.95
CA GLY A 254 -22.75 -17.67 -30.16
C GLY A 254 -23.36 -18.19 -28.88
N ARG A 255 -22.69 -18.04 -27.73
CA ARG A 255 -23.28 -18.47 -26.45
C ARG A 255 -24.44 -17.54 -26.11
N THR A 256 -25.37 -18.06 -25.32
CA THR A 256 -26.56 -17.31 -24.85
C THR A 256 -26.36 -17.04 -23.36
N VAL A 257 -26.45 -15.77 -22.95
CA VAL A 257 -26.53 -15.41 -21.52
C VAL A 257 -28.00 -15.46 -21.10
N ARG A 258 -28.33 -16.29 -20.11
CA ARG A 258 -29.73 -16.41 -19.61
C ARG A 258 -29.87 -15.51 -18.40
N ALA A 259 -31.08 -14.98 -18.22
CA ALA A 259 -31.46 -14.14 -17.06
C ALA A 259 -32.48 -14.90 -16.20
N SER A 260 -32.31 -14.85 -14.89
CA SER A 260 -33.26 -15.43 -13.90
C SER A 260 -34.44 -14.47 -13.68
N PHE A 261 -34.33 -13.26 -14.23
CA PHE A 261 -35.23 -12.12 -13.93
C PHE A 261 -35.60 -11.39 -15.23
N SER B 3 -4.05 24.89 0.14
CA SER B 3 -2.57 25.09 0.44
C SER B 3 -1.73 25.10 -0.84
N PRO B 4 -0.55 25.79 -0.86
CA PRO B 4 0.27 25.90 -2.08
C PRO B 4 0.62 24.57 -2.78
N ASP B 5 0.67 24.62 -4.12
CA ASP B 5 0.84 23.42 -4.99
C ASP B 5 2.33 23.14 -5.18
N TRP B 6 2.91 22.40 -4.24
CA TRP B 6 4.25 21.77 -4.36
C TRP B 6 4.13 20.30 -4.01
N GLY B 7 5.01 19.49 -4.61
CA GLY B 7 4.97 18.02 -4.44
C GLY B 7 6.30 17.46 -4.86
N TYR B 8 6.30 16.21 -5.36
CA TYR B 8 7.52 15.52 -5.80
C TYR B 8 7.33 15.03 -7.26
N ASP B 9 6.19 15.34 -7.87
CA ASP B 9 5.97 14.83 -9.27
C ASP B 9 6.75 15.72 -10.27
N ASP B 10 6.86 15.26 -11.53
CA ASP B 10 7.53 15.95 -12.65
C ASP B 10 6.52 16.96 -13.20
N LYS B 11 6.46 18.14 -12.55
CA LYS B 11 5.37 19.16 -12.63
C LYS B 11 5.38 20.09 -11.39
N ASN B 12 5.37 19.58 -10.17
CA ASN B 12 5.38 20.41 -8.91
C ASN B 12 6.55 20.04 -7.99
N GLY B 13 7.49 19.26 -8.54
CA GLY B 13 8.62 18.65 -7.81
C GLY B 13 9.80 19.59 -7.58
N PRO B 14 10.87 19.01 -6.96
CA PRO B 14 12.07 19.75 -6.55
C PRO B 14 12.64 20.65 -7.65
N GLU B 15 12.58 20.19 -8.89
CA GLU B 15 13.20 20.97 -10.00
C GLU B 15 12.39 22.24 -10.30
N GLN B 16 11.10 22.24 -9.94
CA GLN B 16 10.14 23.36 -10.20
C GLN B 16 9.99 24.23 -8.95
N TRP B 17 10.48 23.79 -7.77
CA TRP B 17 10.13 24.49 -6.49
C TRP B 17 10.55 25.98 -6.51
N SER B 18 11.64 26.30 -7.21
CA SER B 18 12.19 27.69 -7.26
C SER B 18 11.15 28.71 -7.77
N LYS B 19 10.13 28.28 -8.53
CA LYS B 19 9.07 29.21 -9.08
C LYS B 19 8.28 29.81 -7.91
N LEU B 20 7.85 28.96 -6.95
CA LEU B 20 7.01 29.41 -5.79
C LEU B 20 7.94 29.77 -4.60
N TYR B 21 9.15 29.20 -4.57
CA TYR B 21 10.11 29.31 -3.44
C TYR B 21 11.50 29.55 -4.01
N PRO B 22 11.80 30.82 -4.34
CA PRO B 22 13.08 31.16 -4.99
C PRO B 22 14.32 30.88 -4.14
N ILE B 23 14.14 30.79 -2.80
CA ILE B 23 15.22 30.32 -1.85
C ILE B 23 15.67 28.84 -2.15
N ALA B 24 14.92 28.10 -3.00
CA ALA B 24 15.32 26.76 -3.51
C ALA B 24 16.71 26.84 -4.16
N ASN B 25 17.07 28.00 -4.77
CA ASN B 25 18.41 28.21 -5.39
C ASN B 25 19.38 28.94 -4.45
N GLY B 26 19.11 28.97 -3.14
CA GLY B 26 19.96 29.65 -2.14
C GLY B 26 21.34 28.97 -1.97
N ASN B 27 22.12 29.59 -1.04
CA ASN B 27 23.52 29.20 -0.70
C ASN B 27 23.55 28.20 0.48
N ASN B 28 22.44 27.95 1.14
CA ASN B 28 22.44 27.06 2.32
C ASN B 28 21.34 26.03 2.16
N GLN B 29 21.22 25.39 1.02
CA GLN B 29 20.10 24.45 0.74
C GLN B 29 20.51 23.02 1.14
N SER B 30 19.51 22.24 1.62
CA SER B 30 19.71 20.84 2.01
C SER B 30 18.76 19.95 1.19
N PRO B 31 19.03 18.63 1.08
CA PRO B 31 20.18 17.96 1.68
C PRO B 31 21.46 18.22 0.88
N VAL B 32 22.58 17.67 1.36
CA VAL B 32 23.91 17.74 0.67
C VAL B 32 24.53 16.37 0.68
N ASP B 33 25.46 16.11 -0.21
CA ASP B 33 26.39 14.98 -0.15
C ASP B 33 27.51 15.35 0.83
N ILE B 34 27.77 14.43 1.76
CA ILE B 34 28.93 14.58 2.67
C ILE B 34 30.13 13.84 2.13
N LYS B 35 31.10 14.59 1.60
CA LYS B 35 32.36 14.00 1.11
C LYS B 35 33.30 13.87 2.31
N THR B 36 33.51 12.63 2.81
CA THR B 36 34.20 12.42 4.13
C THR B 36 35.66 12.91 4.02
N SER B 37 36.27 12.91 2.83
CA SER B 37 37.66 13.43 2.67
C SER B 37 37.74 14.96 2.92
N GLU B 38 36.64 15.71 2.79
CA GLU B 38 36.60 17.20 2.90
C GLU B 38 36.03 17.63 4.25
N THR B 39 35.60 16.68 5.11
CA THR B 39 35.07 17.05 6.45
C THR B 39 36.21 17.59 7.31
N LYS B 40 35.90 18.48 8.24
CA LYS B 40 36.88 19.03 9.20
C LYS B 40 36.45 18.61 10.63
N HIS B 41 37.38 18.06 11.38
CA HIS B 41 37.14 17.76 12.83
C HIS B 41 37.17 19.05 13.64
N ASP B 42 36.09 19.29 14.39
CA ASP B 42 35.98 20.51 15.23
C ASP B 42 35.94 20.10 16.71
N THR B 43 36.96 20.49 17.48
CA THR B 43 37.16 20.07 18.88
C THR B 43 36.10 20.74 19.75
N SER B 44 35.41 21.75 19.26
CA SER B 44 34.34 22.49 19.99
C SER B 44 33.02 21.71 19.97
N LEU B 45 32.90 20.64 19.17
CA LEU B 45 31.63 19.85 19.10
C LEU B 45 31.50 18.90 20.31
N LYS B 46 30.55 19.20 21.18
CA LYS B 46 30.25 18.28 22.30
C LYS B 46 29.46 17.10 21.77
N PRO B 47 29.39 16.01 22.54
CA PRO B 47 28.43 14.96 22.21
C PRO B 47 27.00 15.53 22.19
N ILE B 48 26.12 14.90 21.40
CA ILE B 48 24.67 15.20 21.32
C ILE B 48 24.04 14.53 22.55
N SER B 49 23.16 15.25 23.24
CA SER B 49 22.36 14.77 24.40
C SER B 49 20.89 14.88 23.95
N VAL B 50 20.26 13.74 23.72
CA VAL B 50 18.77 13.72 23.55
C VAL B 50 18.15 13.10 24.81
N SER B 51 17.32 13.91 25.48
CA SER B 51 16.42 13.36 26.57
CA SER B 51 16.45 13.43 26.64
C SER B 51 14.91 13.85 26.29
N TYR B 52 14.22 12.78 25.74
N TYR B 52 14.26 12.89 25.59
CA TYR B 52 12.85 12.87 25.16
CA TYR B 52 12.86 13.21 25.24
C TYR B 52 11.84 12.24 26.11
C TYR B 52 12.09 12.62 26.40
N ASN B 53 10.86 13.07 26.46
CA ASN B 53 9.83 12.68 27.42
C ASN B 53 8.76 11.95 26.58
N PRO B 54 8.56 10.60 26.72
CA PRO B 54 7.62 9.92 25.84
C PRO B 54 6.15 10.36 25.96
N ALA B 55 5.80 11.02 27.07
CA ALA B 55 4.47 11.65 27.22
C ALA B 55 4.33 12.90 26.34
N THR B 56 5.39 13.37 25.65
CA THR B 56 5.19 14.52 24.72
C THR B 56 4.67 14.03 23.36
N ALA B 57 4.68 12.72 23.08
CA ALA B 57 4.14 12.22 21.78
C ALA B 57 2.65 12.62 21.70
N LYS B 58 2.14 13.13 20.57
CA LYS B 58 0.76 13.65 20.50
C LYS B 58 -0.06 13.00 19.38
N GLU B 59 0.39 13.15 18.10
CA GLU B 59 -0.51 12.85 16.98
C GLU B 59 0.32 12.40 15.78
N ILE B 60 -0.26 11.50 15.00
CA ILE B 60 0.31 11.10 13.68
C ILE B 60 -0.66 11.57 12.61
N ILE B 61 -0.11 12.15 11.53
CA ILE B 61 -0.96 12.81 10.50
C ILE B 61 -0.37 12.60 9.11
N ASN B 62 -1.27 12.32 8.17
CA ASN B 62 -0.94 12.18 6.74
C ASN B 62 -1.02 13.60 6.16
N VAL B 63 0.12 14.11 5.70
CA VAL B 63 0.23 15.49 5.16
C VAL B 63 0.28 15.48 3.62
N GLY B 64 -0.12 14.39 3.01
CA GLY B 64 -0.24 14.27 1.55
C GLY B 64 1.06 13.86 0.88
N HIS B 65 2.16 14.53 1.16
CA HIS B 65 3.49 14.15 0.63
C HIS B 65 4.27 13.25 1.57
N SER B 66 3.82 13.15 2.83
CA SER B 66 4.53 12.40 3.90
C SER B 66 3.54 12.12 5.01
N PHE B 67 4.07 11.60 6.12
CA PHE B 67 3.31 11.55 7.39
C PHE B 67 4.25 12.10 8.44
N HIS B 68 3.66 12.68 9.49
CA HIS B 68 4.42 13.32 10.55
C HIS B 68 3.93 12.76 11.91
N VAL B 69 4.90 12.60 12.79
CA VAL B 69 4.53 12.33 14.22
C VAL B 69 4.87 13.61 14.96
N ASN B 70 3.84 14.26 15.52
CA ASN B 70 3.97 15.59 16.14
C ASN B 70 3.99 15.43 17.65
N PHE B 71 4.76 16.29 18.29
CA PHE B 71 4.92 16.28 19.78
C PHE B 71 4.43 17.59 20.37
N GLU B 72 3.93 17.48 21.62
CA GLU B 72 3.55 18.67 22.41
C GLU B 72 4.86 19.51 22.60
N ASP B 73 4.79 20.80 22.35
CA ASP B 73 6.04 21.67 22.31
C ASP B 73 5.78 22.98 23.08
N ASN B 74 4.81 22.93 24.01
CA ASN B 74 4.46 24.12 24.84
C ASN B 74 5.51 24.28 25.95
N ASP B 75 6.34 23.25 26.22
CA ASP B 75 7.46 23.37 27.20
C ASP B 75 8.69 22.59 26.73
N ASN B 76 9.78 22.66 27.50
CA ASN B 76 11.07 22.00 27.16
C ASN B 76 11.23 20.67 27.92
N ARG B 77 10.12 19.83 27.97
CA ARG B 77 10.21 18.41 28.49
C ARG B 77 11.09 17.52 27.60
N SER B 78 11.09 17.78 26.29
CA SER B 78 11.78 16.95 25.27
C SER B 78 12.76 17.86 24.51
N VAL B 79 14.06 17.70 24.74
CA VAL B 79 15.09 18.64 24.23
C VAL B 79 16.28 17.85 23.69
N LEU B 80 16.87 18.54 22.71
CA LEU B 80 18.19 18.23 22.13
C LEU B 80 19.18 19.32 22.65
N LYS B 81 20.37 18.90 23.03
CA LYS B 81 21.42 19.85 23.49
C LYS B 81 22.78 19.23 23.12
N GLY B 82 23.82 20.01 23.30
CA GLY B 82 25.20 19.60 23.00
C GLY B 82 25.50 19.74 21.53
N GLY B 83 26.40 18.93 21.00
CA GLY B 83 26.87 19.08 19.61
C GLY B 83 27.37 20.51 19.42
N PRO B 84 26.87 21.19 18.36
CA PRO B 84 27.33 22.54 18.04
C PRO B 84 26.59 23.64 18.82
N PHE B 85 25.57 23.27 19.60
CA PHE B 85 24.59 24.19 20.25
C PHE B 85 25.04 24.61 21.65
N SER B 86 24.84 25.88 21.99
CA SER B 86 24.91 26.32 23.41
C SER B 86 23.49 26.35 24.01
N ASP B 87 22.46 26.45 23.17
CA ASP B 87 21.02 26.51 23.53
C ASP B 87 20.42 25.10 23.49
N SER B 88 19.38 24.85 24.28
CA SER B 88 18.54 23.63 24.14
C SER B 88 17.48 23.88 23.07
N TYR B 89 17.22 22.85 22.26
CA TYR B 89 16.17 22.87 21.21
C TYR B 89 15.05 21.91 21.59
N ARG B 90 13.83 22.35 21.38
CA ARG B 90 12.59 21.61 21.75
C ARG B 90 12.16 20.70 20.60
N LEU B 91 12.02 19.41 20.89
CA LEU B 91 11.44 18.38 19.99
C LEU B 91 10.03 18.81 19.57
N PHE B 92 9.73 18.75 18.26
CA PHE B 92 8.35 19.03 17.80
C PHE B 92 7.84 17.93 16.85
N GLN B 93 8.71 17.22 16.12
CA GLN B 93 8.23 16.29 15.08
C GLN B 93 9.31 15.28 14.73
N PHE B 94 8.92 14.08 14.31
CA PHE B 94 9.81 13.28 13.41
C PHE B 94 9.01 12.73 12.24
N HIS B 95 9.79 12.47 11.16
CA HIS B 95 9.19 11.95 9.92
C HIS B 95 10.29 11.26 9.14
N PHE B 96 9.87 10.71 7.99
CA PHE B 96 10.79 9.93 7.13
C PHE B 96 10.73 10.52 5.71
N HIS B 97 11.75 10.16 4.96
CA HIS B 97 11.78 10.29 3.47
C HIS B 97 12.11 8.92 2.95
N TRP B 98 11.59 8.64 1.75
CA TRP B 98 11.89 7.39 1.06
C TRP B 98 11.84 7.67 -0.44
N GLY B 99 12.18 6.63 -1.18
CA GLY B 99 12.29 6.77 -2.65
C GLY B 99 11.41 5.76 -3.36
N SER B 100 11.32 5.83 -4.67
CA SER B 100 10.42 4.93 -5.41
CA SER B 100 10.44 4.93 -5.45
C SER B 100 10.97 3.50 -5.39
N THR B 101 12.29 3.33 -5.18
CA THR B 101 12.97 2.02 -5.09
C THR B 101 13.82 2.00 -3.83
N ASN B 102 14.29 0.82 -3.42
CA ASN B 102 15.19 0.70 -2.24
C ASN B 102 16.58 1.31 -2.53
N GLU B 103 16.99 1.44 -3.79
CA GLU B 103 18.35 1.92 -4.19
C GLU B 103 18.54 3.42 -3.87
N HIS B 104 17.48 4.20 -3.63
CA HIS B 104 17.63 5.64 -3.30
C HIS B 104 16.33 6.20 -2.80
N GLY B 105 16.35 6.43 -1.52
CA GLY B 105 15.26 7.12 -0.82
C GLY B 105 15.81 8.06 0.22
N SER B 106 17.10 8.04 0.56
CA SER B 106 17.62 9.03 1.53
C SER B 106 17.67 10.41 0.85
N GLU B 107 17.87 11.44 1.66
CA GLU B 107 18.03 12.83 1.17
C GLU B 107 19.52 13.10 1.24
N HIS B 108 20.15 13.09 2.39
CA HIS B 108 21.62 13.13 2.50
C HIS B 108 22.24 11.88 1.89
N THR B 109 23.42 12.11 1.27
CA THR B 109 24.29 11.01 0.80
C THR B 109 25.67 11.17 1.41
N VAL B 110 26.42 10.08 1.45
CA VAL B 110 27.80 10.05 2.05
C VAL B 110 28.73 9.45 1.02
N ASP B 111 29.68 10.28 0.56
CA ASP B 111 30.59 9.92 -0.56
C ASP B 111 29.78 9.37 -1.75
N GLY B 112 28.67 10.06 -2.06
CA GLY B 112 27.79 9.72 -3.20
C GLY B 112 26.91 8.51 -2.99
N VAL B 113 26.94 7.88 -1.80
CA VAL B 113 26.19 6.63 -1.56
C VAL B 113 24.78 7.03 -1.10
N LYS B 114 23.76 6.53 -1.79
CA LYS B 114 22.35 6.85 -1.50
C LYS B 114 21.79 5.72 -0.66
N TYR B 115 21.18 6.03 0.46
CA TYR B 115 20.57 4.99 1.33
C TYR B 115 19.11 4.83 0.90
N SER B 116 18.41 3.89 1.54
CA SER B 116 17.02 3.51 1.17
CA SER B 116 17.02 3.51 1.17
C SER B 116 16.00 4.50 1.75
N ALA B 117 16.34 5.17 2.85
CA ALA B 117 15.40 6.10 3.50
C ALA B 117 16.17 6.96 4.49
N GLU B 118 15.47 7.89 5.11
CA GLU B 118 16.10 8.82 6.07
C GLU B 118 15.06 9.19 7.14
N LEU B 119 15.51 9.16 8.38
CA LEU B 119 14.70 9.68 9.50
C LEU B 119 15.12 11.12 9.82
N HIS B 120 14.14 12.00 9.97
CA HIS B 120 14.38 13.39 10.50
C HIS B 120 13.70 13.56 11.86
N VAL B 121 14.45 14.04 12.84
CA VAL B 121 13.92 14.41 14.20
C VAL B 121 14.18 15.93 14.34
N ALA B 122 13.10 16.73 14.25
CA ALA B 122 13.11 18.19 14.15
C ALA B 122 12.87 18.86 15.50
N HIS B 123 13.56 19.95 15.77
CA HIS B 123 13.57 20.70 17.03
C HIS B 123 13.61 22.19 16.74
N TRP B 124 13.09 23.05 17.62
CA TRP B 124 13.19 24.52 17.47
C TRP B 124 13.85 25.17 18.70
N ASN B 125 14.45 26.34 18.50
CA ASN B 125 15.27 27.02 19.54
C ASN B 125 14.35 27.76 20.53
N SER B 126 13.91 27.08 21.60
CA SER B 126 13.07 27.73 22.66
C SER B 126 13.90 28.60 23.61
N ALA B 127 15.23 28.53 23.59
CA ALA B 127 16.06 29.37 24.48
C ALA B 127 15.94 30.82 24.00
N LYS B 128 15.92 31.03 22.68
CA LYS B 128 16.02 32.38 22.06
C LYS B 128 14.64 32.86 21.62
N TYR B 129 13.77 31.93 21.19
CA TYR B 129 12.48 32.26 20.54
C TYR B 129 11.33 31.68 21.39
N SER B 130 10.13 32.22 21.22
CA SER B 130 8.95 31.78 22.03
C SER B 130 8.02 30.89 21.22
N SER B 131 8.17 30.81 19.89
CA SER B 131 7.31 29.90 19.08
C SER B 131 8.06 29.36 17.86
N LEU B 132 7.58 28.21 17.41
CA LEU B 132 8.02 27.60 16.14
C LEU B 132 7.96 28.66 15.03
N ALA B 133 6.89 29.46 14.91
CA ALA B 133 6.78 30.46 13.80
C ALA B 133 7.93 31.48 13.91
N GLU B 134 8.27 31.92 15.13
CA GLU B 134 9.37 32.91 15.37
C GLU B 134 10.71 32.26 15.03
N ALA B 135 10.88 30.96 15.32
CA ALA B 135 12.17 30.24 15.20
C ALA B 135 12.40 29.80 13.76
N ALA B 136 11.34 29.50 13.00
CA ALA B 136 11.42 28.72 11.76
C ALA B 136 12.16 29.45 10.62
N SER B 137 12.26 30.78 10.61
CA SER B 137 13.01 31.50 9.52
C SER B 137 14.31 32.12 10.06
N LYS B 138 14.71 31.77 11.28
CA LYS B 138 15.95 32.26 11.92
C LYS B 138 17.10 31.31 11.55
N ALA B 139 18.29 31.83 11.28
CA ALA B 139 19.46 31.01 10.88
C ALA B 139 19.72 29.96 11.97
N ASP B 140 19.48 30.34 13.23
CA ASP B 140 19.76 29.50 14.42
C ASP B 140 18.46 28.88 14.98
N GLY B 141 17.38 28.86 14.20
CA GLY B 141 16.03 28.56 14.72
C GLY B 141 15.75 27.07 14.89
N LEU B 142 16.19 26.25 13.95
CA LEU B 142 15.86 24.81 13.88
C LEU B 142 17.12 23.93 13.93
N ALA B 143 16.92 22.74 14.48
CA ALA B 143 17.90 21.66 14.55
C ALA B 143 17.23 20.34 14.14
N VAL B 144 17.79 19.68 13.13
CA VAL B 144 17.21 18.41 12.66
C VAL B 144 18.30 17.35 12.70
N ILE B 145 18.00 16.24 13.37
CA ILE B 145 18.87 15.04 13.35
C ILE B 145 18.42 14.16 12.19
N GLY B 146 19.35 13.89 11.26
CA GLY B 146 19.11 12.85 10.27
C GLY B 146 19.86 11.58 10.49
N VAL B 147 19.14 10.50 10.25
CA VAL B 147 19.66 9.12 10.30
C VAL B 147 19.37 8.40 8.99
N LEU B 148 20.44 7.93 8.38
CA LEU B 148 20.35 7.12 7.16
C LEU B 148 19.81 5.73 7.47
N MET B 149 18.92 5.24 6.64
CA MET B 149 18.24 3.93 6.76
C MET B 149 18.68 3.01 5.65
N LYS B 150 19.34 1.93 5.99
CA LYS B 150 19.91 0.96 5.06
C LYS B 150 19.01 -0.25 4.93
N VAL B 151 18.57 -0.57 3.72
CA VAL B 151 17.68 -1.72 3.50
C VAL B 151 18.41 -3.01 3.91
N GLY B 152 17.72 -3.83 4.73
CA GLY B 152 18.24 -5.10 5.24
C GLY B 152 17.20 -5.74 6.13
N GLU B 153 17.59 -6.09 7.34
CA GLU B 153 16.70 -6.72 8.37
C GLU B 153 15.61 -5.73 8.77
N ALA B 154 14.40 -6.23 9.02
CA ALA B 154 13.30 -5.44 9.60
C ALA B 154 13.81 -4.79 10.87
N ASN B 155 13.37 -3.56 11.10
CA ASN B 155 13.76 -2.77 12.28
C ASN B 155 12.55 -2.76 13.21
N PRO B 156 12.60 -3.53 14.32
CA PRO B 156 11.43 -3.63 15.20
C PRO B 156 11.10 -2.31 15.91
N LYS B 157 12.07 -1.38 16.00
CA LYS B 157 11.87 -0.04 16.61
C LYS B 157 10.80 0.73 15.83
N LEU B 158 10.63 0.41 14.53
CA LEU B 158 9.63 1.06 13.64
C LEU B 158 8.20 0.57 13.85
N GLN B 159 8.00 -0.46 14.68
CA GLN B 159 6.71 -1.20 14.76
C GLN B 159 5.55 -0.26 15.12
N LYS B 160 5.70 0.55 16.18
CA LYS B 160 4.56 1.39 16.67
C LYS B 160 4.20 2.34 15.53
N VAL B 161 5.21 2.87 14.82
CA VAL B 161 4.95 3.86 13.75
C VAL B 161 4.17 3.17 12.58
N LEU B 162 4.71 2.03 12.14
CA LEU B 162 4.13 1.32 10.97
C LEU B 162 2.71 0.84 11.27
N ASP B 163 2.47 0.38 12.50
CA ASP B 163 1.14 -0.13 12.92
C ASP B 163 0.12 1.02 12.90
N ALA B 164 0.57 2.27 13.10
CA ALA B 164 -0.32 3.46 13.21
C ALA B 164 -0.80 3.90 11.81
N LEU B 165 -0.12 3.44 10.77
CA LEU B 165 -0.34 4.03 9.42
C LEU B 165 -1.74 3.66 8.90
N GLN B 166 -2.30 2.50 9.32
CA GLN B 166 -3.63 2.06 8.83
C GLN B 166 -4.73 3.05 9.22
N ALA B 167 -4.51 3.87 10.28
CA ALA B 167 -5.51 4.85 10.76
C ALA B 167 -5.36 6.19 10.01
N ILE B 168 -4.30 6.36 9.20
CA ILE B 168 -4.04 7.66 8.52
C ILE B 168 -3.75 7.46 7.02
N LYS B 169 -4.55 6.68 6.31
CA LYS B 169 -4.17 6.19 4.98
C LYS B 169 -4.18 7.36 3.99
N THR B 170 -5.11 8.31 4.17
CA THR B 170 -5.35 9.40 3.19
C THR B 170 -5.03 10.77 3.76
N LYS B 171 -4.81 11.71 2.86
CA LYS B 171 -4.36 13.07 3.17
C LYS B 171 -5.33 13.73 4.15
N GLY B 172 -4.80 14.24 5.26
CA GLY B 172 -5.60 14.99 6.23
C GLY B 172 -6.03 14.11 7.38
N LYS B 173 -5.94 12.79 7.24
CA LYS B 173 -6.29 11.91 8.40
C LYS B 173 -5.23 12.04 9.48
N ARG B 174 -5.68 11.88 10.74
CA ARG B 174 -4.84 12.02 11.94
CA ARG B 174 -4.80 11.99 11.92
C ARG B 174 -5.33 11.07 13.03
N ALA B 175 -4.43 10.64 13.88
CA ALA B 175 -4.82 9.82 15.04
C ALA B 175 -3.90 10.17 16.20
N PRO B 176 -4.40 9.97 17.44
CA PRO B 176 -3.51 10.10 18.57
C PRO B 176 -2.31 9.14 18.40
N PHE B 177 -1.17 9.59 18.91
CA PHE B 177 0.12 8.80 18.87
C PHE B 177 0.89 9.18 20.13
N THR B 178 0.81 8.29 21.14
CA THR B 178 1.14 8.69 22.54
C THR B 178 2.19 7.73 23.12
N ASN B 179 2.91 8.25 24.13
CA ASN B 179 3.82 7.39 24.96
C ASN B 179 4.89 6.80 24.04
N PHE B 180 5.69 7.68 23.41
CA PHE B 180 6.70 7.24 22.41
C PHE B 180 7.93 8.15 22.47
N ASP B 181 9.15 7.52 22.57
CA ASP B 181 10.42 8.28 22.78
C ASP B 181 11.17 8.05 21.47
N PRO B 182 11.22 9.04 20.54
CA PRO B 182 11.80 8.75 19.23
C PRO B 182 13.33 8.57 19.34
N SER B 183 13.96 8.78 20.51
CA SER B 183 15.42 8.49 20.64
C SER B 183 15.65 6.97 20.53
N THR B 184 14.58 6.12 20.71
CA THR B 184 14.71 4.67 20.46
C THR B 184 15.02 4.34 18.97
N LEU B 185 14.75 5.31 18.09
CA LEU B 185 14.98 5.08 16.65
C LEU B 185 16.43 5.37 16.31
N LEU B 186 17.17 6.09 17.12
CA LEU B 186 18.56 6.55 16.77
C LEU B 186 19.55 5.38 16.81
N PRO B 187 20.70 5.47 16.12
CA PRO B 187 21.72 4.44 16.23
C PRO B 187 22.32 4.40 17.67
N SER B 188 23.10 3.36 17.96
CA SER B 188 23.71 3.17 19.32
CA SER B 188 23.72 3.18 19.31
C SER B 188 24.73 4.31 19.56
N SER B 189 25.55 4.59 18.53
CA SER B 189 26.59 5.67 18.53
C SER B 189 26.02 6.94 17.89
N LEU B 190 26.30 8.10 18.48
CA LEU B 190 25.76 9.40 18.03
C LEU B 190 26.93 10.23 17.54
N ASP B 191 28.03 9.60 17.07
CA ASP B 191 29.02 10.33 16.21
C ASP B 191 28.25 11.01 15.08
N PHE B 192 28.62 12.24 14.73
CA PHE B 192 27.79 13.03 13.78
C PHE B 192 28.66 13.96 12.95
N TRP B 193 28.07 14.33 11.83
CA TRP B 193 28.48 15.51 11.02
C TRP B 193 27.49 16.63 11.22
N THR B 194 27.93 17.86 11.08
CA THR B 194 27.00 19.00 11.14
C THR B 194 27.36 20.00 10.06
N TYR B 195 26.33 20.67 9.56
CA TYR B 195 26.51 21.79 8.59
C TYR B 195 25.28 22.68 8.62
N PRO B 196 25.41 23.95 8.18
CA PRO B 196 24.28 24.88 8.16
C PRO B 196 23.49 24.66 6.88
N GLY B 197 22.18 24.53 6.99
CA GLY B 197 21.31 24.15 5.88
C GLY B 197 19.88 24.68 6.05
N SER B 198 18.97 23.98 5.40
CA SER B 198 17.60 24.43 5.12
C SER B 198 16.65 23.28 5.49
N LEU B 199 15.37 23.61 5.53
CA LEU B 199 14.29 22.63 5.36
C LEU B 199 14.47 21.94 4.01
N THR B 200 14.25 20.65 3.86
CA THR B 200 14.48 19.95 2.57
C THR B 200 13.22 19.98 1.69
N HIS B 201 12.20 20.72 2.08
CA HIS B 201 11.00 20.91 1.24
C HIS B 201 10.45 22.28 1.57
N PRO B 202 9.55 22.83 0.72
CA PRO B 202 8.96 24.13 1.00
C PRO B 202 8.46 24.21 2.44
N PRO B 203 8.67 25.34 3.15
CA PRO B 203 9.16 26.57 2.49
C PRO B 203 10.69 26.78 2.43
N LEU B 204 11.48 25.72 2.63
CA LEU B 204 12.95 25.68 2.28
C LEU B 204 13.76 26.72 3.07
N TYR B 205 13.23 27.23 4.17
CA TYR B 205 13.92 28.22 5.01
C TYR B 205 15.33 27.71 5.32
N GLU B 206 16.29 28.62 5.31
CA GLU B 206 17.70 28.29 5.59
C GLU B 206 17.94 28.49 7.10
N SER B 207 17.25 27.69 7.91
CA SER B 207 17.08 27.91 9.37
C SER B 207 17.55 26.68 10.17
N VAL B 208 18.15 25.71 9.48
CA VAL B 208 18.44 24.36 9.99
C VAL B 208 19.91 24.13 10.25
N THR B 209 20.24 23.82 11.50
CA THR B 209 21.53 23.20 11.87
C THR B 209 21.33 21.69 11.77
N TRP B 210 21.88 21.06 10.75
CA TRP B 210 21.78 19.60 10.53
C TRP B 210 22.79 18.85 11.39
N ILE B 211 22.31 17.75 12.00
CA ILE B 211 23.14 16.75 12.71
C ILE B 211 22.94 15.41 12.02
N ILE B 212 23.88 15.01 11.14
CA ILE B 212 23.77 13.74 10.39
C ILE B 212 24.57 12.66 11.10
N CYS B 213 23.84 11.64 11.57
CA CYS B 213 24.51 10.54 12.29
C CYS B 213 25.47 9.80 11.35
N LYS B 214 26.68 9.49 11.82
CA LYS B 214 27.63 8.63 11.11
C LYS B 214 27.05 7.23 10.91
N GLU B 215 26.38 6.69 11.91
CA GLU B 215 25.84 5.31 11.85
C GLU B 215 24.42 5.33 11.27
N SER B 216 24.13 4.33 10.45
CA SER B 216 22.81 4.08 9.85
C SER B 216 22.01 3.15 10.80
N ILE B 217 20.71 3.06 10.51
CA ILE B 217 19.79 2.07 11.13
C ILE B 217 19.20 1.25 9.99
N SER B 218 18.67 0.09 10.30
CA SER B 218 18.07 -0.84 9.31
CA SER B 218 18.05 -0.87 9.35
C SER B 218 16.60 -0.51 9.03
N VAL B 219 16.12 -1.07 7.91
CA VAL B 219 14.70 -1.03 7.47
C VAL B 219 14.56 -2.16 6.45
N SER B 220 13.48 -2.92 6.49
CA SER B 220 13.27 -4.02 5.53
C SER B 220 12.60 -3.43 4.28
N SER B 221 12.71 -4.20 3.20
CA SER B 221 11.97 -3.91 1.94
C SER B 221 10.47 -3.78 2.22
N GLU B 222 9.89 -4.61 3.11
CA GLU B 222 8.41 -4.61 3.32
C GLU B 222 8.04 -3.40 4.19
N GLN B 223 8.93 -2.97 5.08
CA GLN B 223 8.67 -1.76 5.88
C GLN B 223 8.67 -0.54 4.97
N LEU B 224 9.59 -0.47 4.02
CA LEU B 224 9.52 0.65 3.05
C LEU B 224 8.22 0.58 2.24
N ALA B 225 7.78 -0.62 1.84
CA ALA B 225 6.51 -0.77 1.09
C ALA B 225 5.35 -0.20 1.91
N GLN B 226 5.36 -0.35 3.25
CA GLN B 226 4.29 0.26 4.08
C GLN B 226 4.29 1.78 3.94
N PHE B 227 5.45 2.44 3.95
CA PHE B 227 5.49 3.91 3.75
C PHE B 227 4.87 4.24 2.40
N ARG B 228 5.20 3.43 1.39
CA ARG B 228 4.76 3.73 0.00
C ARG B 228 3.27 3.41 -0.18
N SER B 229 2.69 2.63 0.75
CA SER B 229 1.25 2.27 0.66
C SER B 229 0.41 3.42 1.28
N LEU B 230 1.04 4.43 1.90
CA LEU B 230 0.26 5.65 2.27
C LEU B 230 -0.21 6.35 0.99
N LEU B 231 -1.33 7.04 1.07
CA LEU B 231 -2.02 7.64 -0.08
C LEU B 231 -1.94 9.17 0.05
N SER B 232 -1.59 9.85 -1.05
CA SER B 232 -1.45 11.32 -1.12
C SER B 232 -2.79 12.02 -1.34
N ASN B 233 -3.79 11.28 -1.81
CA ASN B 233 -5.15 11.79 -2.14
C ASN B 233 -5.98 11.89 -0.85
N VAL B 234 -7.05 12.65 -0.91
CA VAL B 234 -8.08 12.70 0.17
C VAL B 234 -9.00 11.48 0.02
N GLU B 235 -9.60 11.09 1.14
CA GLU B 235 -10.56 9.96 1.22
C GLU B 235 -11.61 10.13 0.13
N GLY B 236 -11.97 9.05 -0.52
CA GLY B 236 -13.01 9.04 -1.58
C GLY B 236 -12.42 9.18 -2.98
N ASP B 237 -11.30 9.86 -3.13
CA ASP B 237 -10.67 10.03 -4.48
C ASP B 237 -9.91 8.76 -4.85
N ASN B 238 -9.53 8.63 -6.11
CA ASN B 238 -8.77 7.44 -6.54
C ASN B 238 -7.46 7.43 -5.76
N ALA B 239 -7.07 6.24 -5.28
CA ALA B 239 -5.91 6.04 -4.40
C ALA B 239 -4.62 6.32 -5.19
N VAL B 240 -3.82 7.25 -4.67
CA VAL B 240 -2.50 7.61 -5.26
C VAL B 240 -1.41 7.35 -4.23
N PRO B 241 -0.68 6.22 -4.38
CA PRO B 241 0.37 5.90 -3.41
C PRO B 241 1.46 6.98 -3.36
N MET B 242 1.94 7.22 -2.16
CA MET B 242 3.10 8.10 -1.84
C MET B 242 4.41 7.41 -2.24
N GLN B 243 4.82 7.43 -3.51
CA GLN B 243 5.95 6.56 -3.94
C GLN B 243 7.30 7.13 -3.48
N HIS B 244 7.43 8.44 -3.30
CA HIS B 244 8.75 9.04 -2.99
C HIS B 244 8.58 10.47 -2.50
N ASN B 245 9.58 10.95 -1.75
CA ASN B 245 9.50 12.32 -1.17
C ASN B 245 10.90 12.77 -0.75
N ASN B 246 11.95 12.38 -1.50
CA ASN B 246 13.37 12.73 -1.22
C ASN B 246 13.83 13.78 -2.23
N ARG B 247 14.32 14.89 -1.70
CA ARG B 247 14.92 15.96 -2.54
C ARG B 247 16.33 15.53 -2.92
N PRO B 248 16.76 15.78 -4.20
CA PRO B 248 18.17 15.58 -4.52
C PRO B 248 19.12 16.46 -3.68
N THR B 249 20.37 16.02 -3.56
CA THR B 249 21.43 16.88 -2.95
C THR B 249 21.66 18.19 -3.70
N GLN B 250 21.98 19.22 -2.93
CA GLN B 250 22.10 20.62 -3.36
C GLN B 250 23.54 21.04 -3.15
N PRO B 251 23.96 22.06 -3.92
CA PRO B 251 25.32 22.51 -3.86
C PRO B 251 25.71 23.05 -2.47
N LEU B 252 26.92 22.66 -2.08
CA LEU B 252 27.59 23.07 -0.81
C LEU B 252 27.90 24.58 -0.87
N LYS B 253 28.24 25.16 -2.06
CA LYS B 253 28.40 26.64 -2.11
C LYS B 253 29.26 27.13 -0.90
N GLY B 254 30.42 26.39 -0.78
CA GLY B 254 31.54 26.84 0.11
C GLY B 254 31.32 26.52 1.58
N ARG B 255 30.18 25.91 1.94
CA ARG B 255 29.92 25.46 3.34
C ARG B 255 30.89 24.35 3.71
N THR B 256 31.17 24.25 5.01
CA THR B 256 32.01 23.20 5.60
C THR B 256 31.13 22.21 6.37
N VAL B 257 31.31 20.92 6.11
CA VAL B 257 30.69 19.86 6.95
C VAL B 257 31.70 19.51 8.04
N ARG B 258 31.36 19.79 9.30
CA ARG B 258 32.24 19.48 10.45
C ARG B 258 31.90 18.07 10.97
N ALA B 259 32.92 17.38 11.48
CA ALA B 259 32.80 16.02 12.06
C ALA B 259 33.04 16.11 13.55
N SER B 260 32.23 15.37 14.34
CA SER B 260 32.41 15.24 15.81
C SER B 260 33.54 14.25 16.11
N PHE B 261 34.00 13.50 15.11
CA PHE B 261 34.77 12.25 15.33
C PHE B 261 35.93 12.18 14.33
#